data_3JY9
#
_entry.id   3JY9
#
_cell.length_a   95.103
_cell.length_b   101.257
_cell.length_c   68.488
_cell.angle_alpha   90.00
_cell.angle_beta   90.00
_cell.angle_gamma   90.00
#
_symmetry.space_group_name_H-M   'C 2 2 21'
#
loop_
_entity.id
_entity.type
_entity.pdbx_description
1 polymer 'Tyrosine-protein kinase JAK2'
2 non-polymer (3S)-3-(4-hydroxyphenyl)-1,5-dihydro-1,5,12-triazabenzo[4,5]cycloocta[1,2,3-cd]inden-4(3H)-one
3 non-polymer 'SODIUM ION'
4 water water
#
_entity_poly.entity_id   1
_entity_poly.type   'polypeptide(L)'
_entity_poly.pdbx_seq_one_letter_code
;MGSSHHHHHHSSGLVPRGSHNMTQFEERHLKFLQQLGKGNFGSVEMCRYDPLQDNTGEVVAVKKLQHSTEEHLRDFEREI
EILKSLQHDNIVKYKGVCYSAGRRNLKLIMEYLPYGSLRDYLQKHKERIDHIKLLQYTSQICKGMEYLGTKRYIHRDLAT
RNILVENENRVKIGDFGLTKVLPQDKE(PTR)(PTR)KVKEPGESPIFWYAPESLTESKFSVASDVWSFGVVLYELFTYI
EKSKSPPAEFMRMIGNDKQGQMIVFHLIELLKNNGRLPRPDGCPDEIYMIMTECWNNNVNQRPSFRDLALRVDQIRDNM
;
_entity_poly.pdbx_strand_id   A
#
loop_
_chem_comp.id
_chem_comp.type
_chem_comp.name
_chem_comp.formula
JZH non-polymer (3S)-3-(4-hydroxyphenyl)-1,5-dihydro-1,5,12-triazabenzo[4,5]cycloocta[1,2,3-cd]inden-4(3H)-one 'C21 H15 N3 O2'
NA non-polymer 'SODIUM ION' 'Na 1'
#
# COMPACT_ATOMS: atom_id res chain seq x y z
N THR A 23 25.32 12.69 2.38
CA THR A 23 25.47 13.40 3.71
C THR A 23 24.61 12.84 4.88
N GLN A 24 25.16 12.96 6.09
CA GLN A 24 24.72 12.19 7.22
C GLN A 24 23.65 12.93 8.06
N PHE A 25 22.83 12.17 8.78
CA PHE A 25 21.93 12.73 9.80
C PHE A 25 22.53 12.40 11.15
N GLU A 26 22.86 13.40 11.97
CA GLU A 26 23.29 13.09 13.34
C GLU A 26 22.14 12.89 14.28
N GLU A 27 22.16 11.81 15.03
CA GLU A 27 21.08 11.51 15.97
C GLU A 27 20.81 12.67 16.95
N ARG A 28 21.88 13.35 17.37
CA ARG A 28 21.77 14.39 18.40
C ARG A 28 20.87 15.56 17.95
N HIS A 29 20.79 15.74 16.63
CA HIS A 29 20.05 16.85 16.04
C HIS A 29 18.65 16.51 15.54
N LEU A 30 18.26 15.26 15.70
CA LEU A 30 16.93 14.82 15.33
C LEU A 30 16.01 15.15 16.48
N LYS A 31 15.12 16.13 16.34
CA LYS A 31 14.22 16.45 17.50
C LYS A 31 12.85 15.85 17.35
N PHE A 32 12.38 15.19 18.41
CA PHE A 32 11.04 14.65 18.47
C PHE A 32 9.91 15.71 18.45
N LEU A 33 8.89 15.49 17.60
CA LEU A 33 7.73 16.36 17.58
C LEU A 33 6.48 15.55 17.91
N GLN A 34 6.25 14.47 17.16
CA GLN A 34 4.98 13.78 17.28
C GLN A 34 5.05 12.32 16.89
N GLN A 35 4.33 11.47 17.57
CA GLN A 35 4.35 10.12 17.10
C GLN A 35 3.26 9.97 16.05
N LEU A 36 3.56 9.35 14.90
CA LEU A 36 2.57 9.31 13.83
C LEU A 36 1.84 7.99 13.72
N GLY A 37 2.45 6.89 14.11
CA GLY A 37 1.80 5.58 13.91
C GLY A 37 2.74 4.44 14.25
N LYS A 38 2.17 3.26 14.54
CA LYS A 38 2.96 2.07 14.95
C LYS A 38 2.44 0.76 14.34
N GLY A 39 3.28 -0.29 14.34
CA GLY A 39 2.96 -1.61 13.72
C GLY A 39 4.18 -2.38 13.18
N GLY A 42 7.58 -1.69 13.89
CA GLY A 42 8.19 -0.39 14.07
C GLY A 42 7.21 0.72 14.35
N SER A 43 7.71 1.94 14.35
CA SER A 43 6.92 3.07 14.62
C SER A 43 7.41 4.21 13.70
N VAL A 44 6.53 5.16 13.36
CA VAL A 44 6.93 6.27 12.50
C VAL A 44 6.74 7.55 13.32
N GLU A 45 7.79 8.39 13.44
CA GLU A 45 7.64 9.68 14.17
C GLU A 45 7.82 10.89 13.28
N MET A 46 7.17 11.98 13.66
CA MET A 46 7.46 13.28 13.06
C MET A 46 8.63 13.93 13.83
N CYS A 47 9.72 14.23 13.11
CA CYS A 47 10.86 14.93 13.69
C CYS A 47 11.29 16.15 12.89
N ARG A 48 12.05 17.01 13.54
CA ARG A 48 12.67 18.11 12.87
C ARG A 48 14.18 17.84 12.94
N TYR A 49 14.81 17.77 11.76
CA TYR A 49 16.27 17.71 11.69
C TYR A 49 16.91 19.12 11.80
N ASP A 50 17.45 19.43 12.96
CA ASP A 50 17.73 20.82 13.29
C ASP A 50 19.20 21.00 13.74
N PRO A 51 20.15 20.81 12.79
CA PRO A 51 21.56 20.87 13.16
C PRO A 51 21.91 22.23 13.73
N LEU A 52 21.19 23.27 13.28
CA LEU A 52 21.44 24.66 13.68
C LEU A 52 20.87 25.03 15.09
N GLN A 53 20.16 24.11 15.74
CA GLN A 53 19.55 24.28 17.08
C GLN A 53 18.59 25.47 17.30
N ASP A 54 18.24 26.16 16.21
CA ASP A 54 17.27 27.27 16.24
C ASP A 54 15.90 26.96 15.58
N ASN A 55 15.47 25.69 15.63
CA ASN A 55 14.16 25.24 15.07
C ASN A 55 13.77 25.62 13.65
N THR A 56 14.75 25.97 12.83
CA THR A 56 14.48 26.29 11.43
C THR A 56 14.66 25.05 10.50
N GLY A 57 14.94 23.88 11.07
CA GLY A 57 15.35 22.69 10.29
C GLY A 57 14.16 21.99 9.61
N GLU A 58 14.49 21.04 8.75
CA GLU A 58 13.46 20.39 7.94
C GLU A 58 12.67 19.43 8.79
N VAL A 59 11.36 19.39 8.59
CA VAL A 59 10.55 18.42 9.29
C VAL A 59 10.56 17.12 8.47
N VAL A 60 10.75 15.96 9.13
CA VAL A 60 10.94 14.72 8.40
C VAL A 60 10.15 13.64 9.04
N ALA A 61 9.95 12.55 8.31
CA ALA A 61 9.38 11.35 8.87
C ALA A 61 10.47 10.36 9.20
N VAL A 62 10.42 9.75 10.40
CA VAL A 62 11.44 8.81 10.86
C VAL A 62 10.85 7.47 11.24
N LYS A 63 11.28 6.39 10.58
CA LYS A 63 10.90 5.06 11.04
C LYS A 63 12.03 4.41 11.83
N LYS A 64 11.64 3.79 12.95
CA LYS A 64 12.58 3.07 13.77
C LYS A 64 11.95 1.77 14.32
N LEU A 65 12.78 0.86 14.73
CA LEU A 65 12.26 -0.39 15.21
C LEU A 65 11.98 -0.26 16.69
N GLN A 66 10.90 -0.83 17.12
CA GLN A 66 10.59 -0.79 18.52
C GLN A 66 11.02 -2.09 19.22
N HIS A 67 11.01 -3.23 18.52
CA HIS A 67 11.52 -4.53 19.00
C HIS A 67 12.64 -5.06 18.14
N SER A 68 13.89 -4.82 18.48
CA SER A 68 14.98 -4.94 17.53
C SER A 68 15.69 -6.30 17.58
N THR A 69 14.92 -7.34 17.26
CA THR A 69 15.46 -8.68 17.07
C THR A 69 16.35 -8.70 15.81
N GLU A 70 17.24 -9.67 15.76
CA GLU A 70 18.13 -9.85 14.61
C GLU A 70 17.37 -10.12 13.29
N GLU A 71 16.24 -10.79 13.37
CA GLU A 71 15.47 -11.04 12.17
C GLU A 71 14.87 -9.75 11.61
N HIS A 72 14.25 -8.98 12.50
CA HIS A 72 13.65 -7.70 12.15
C HIS A 72 14.61 -6.61 11.64
N LEU A 73 15.76 -6.47 12.30
CA LEU A 73 16.86 -5.65 11.78
C LEU A 73 17.21 -5.93 10.34
N ARG A 74 17.45 -7.19 10.04
CA ARG A 74 17.75 -7.63 8.69
C ARG A 74 16.55 -7.41 7.74
N ASP A 75 15.32 -7.54 8.23
CA ASP A 75 14.22 -7.16 7.38
C ASP A 75 14.23 -5.68 7.11
N PHE A 76 14.57 -4.88 8.11
CA PHE A 76 14.45 -3.43 8.06
C PHE A 76 15.51 -2.84 7.14
N GLU A 77 16.70 -3.40 7.21
CA GLU A 77 17.79 -2.99 6.31
C GLU A 77 17.44 -3.30 4.87
N ARG A 78 16.73 -4.39 4.65
CA ARG A 78 16.30 -4.72 3.25
C ARG A 78 15.25 -3.67 2.80
N GLU A 79 14.35 -3.32 3.70
CA GLU A 79 13.36 -2.28 3.41
C GLU A 79 14.04 -0.95 3.04
N ILE A 80 15.08 -0.63 3.81
CA ILE A 80 15.83 0.58 3.56
C ILE A 80 16.47 0.56 2.17
N GLU A 81 17.13 -0.55 1.80
CA GLU A 81 17.77 -0.62 0.45
C GLU A 81 16.74 -0.58 -0.71
N ILE A 82 15.56 -1.17 -0.48
CA ILE A 82 14.47 -1.09 -1.43
C ILE A 82 14.01 0.36 -1.62
N LEU A 83 13.65 1.07 -0.53
CA LEU A 83 13.19 2.43 -0.66
C LEU A 83 14.26 3.32 -1.31
N LYS A 84 15.51 3.17 -0.88
CA LYS A 84 16.60 3.98 -1.45
C LYS A 84 16.77 3.78 -2.96
N SER A 85 16.55 2.56 -3.49
CA SER A 85 16.76 2.32 -4.95
C SER A 85 15.62 2.82 -5.77
N LEU A 86 14.56 3.33 -5.13
CA LEU A 86 13.36 3.75 -5.86
C LEU A 86 13.30 5.29 -6.05
N GLN A 87 13.10 5.74 -7.28
CA GLN A 87 12.93 7.19 -7.49
C GLN A 87 11.84 7.47 -8.51
N HIS A 88 10.70 7.91 -8.03
CA HIS A 88 9.58 8.06 -8.95
C HIS A 88 8.68 9.09 -8.32
N ASP A 89 7.96 9.89 -9.10
CA ASP A 89 7.02 10.87 -8.51
C ASP A 89 5.96 10.27 -7.60
N ASN A 90 5.63 9.01 -7.82
CA ASN A 90 4.52 8.43 -7.06
C ASN A 90 4.99 7.37 -6.10
N ILE A 91 6.21 7.55 -5.61
CA ILE A 91 6.79 6.75 -4.55
C ILE A 91 7.40 7.63 -3.46
N VAL A 92 7.01 7.41 -2.22
CA VAL A 92 7.54 8.16 -1.11
C VAL A 92 9.11 8.23 -1.16
N LYS A 93 9.63 9.41 -0.91
CA LYS A 93 11.08 9.66 -1.02
C LYS A 93 11.89 9.29 0.22
N TYR A 94 12.87 8.40 0.01
CA TYR A 94 13.97 8.14 0.92
C TYR A 94 14.82 9.42 1.12
N LYS A 95 15.25 9.74 2.34
CA LYS A 95 16.25 10.82 2.48
C LYS A 95 17.60 10.36 3.09
N GLY A 96 17.58 9.38 4.00
CA GLY A 96 18.83 8.91 4.53
C GLY A 96 18.64 7.98 5.68
N VAL A 97 19.73 7.75 6.39
CA VAL A 97 19.71 6.83 7.51
C VAL A 97 20.53 7.47 8.64
N CYS A 98 20.08 7.34 9.89
CA CYS A 98 20.83 7.89 10.98
C CYS A 98 21.33 6.73 11.82
N TYR A 99 22.65 6.63 12.00
CA TYR A 99 23.28 5.56 12.79
C TYR A 99 23.55 5.94 14.26
N SER A 100 23.77 4.92 15.11
CA SER A 100 24.21 5.16 16.53
C SER A 100 24.65 3.85 17.18
N ARG A 104 22.67 -2.86 15.78
CA ARG A 104 22.58 -1.49 15.27
C ARG A 104 21.20 -0.95 15.68
N ASN A 105 21.04 0.38 15.78
CA ASN A 105 19.68 0.91 15.85
C ASN A 105 19.37 2.06 14.91
N LEU A 106 19.35 1.66 13.65
CA LEU A 106 19.15 2.52 12.50
C LEU A 106 17.81 3.22 12.58
N LYS A 107 17.78 4.41 12.03
CA LYS A 107 16.54 5.12 11.81
C LYS A 107 16.47 5.43 10.33
N LEU A 108 15.31 5.17 9.73
CA LEU A 108 15.11 5.47 8.30
C LEU A 108 14.50 6.84 8.22
N ILE A 109 15.22 7.74 7.57
CA ILE A 109 14.79 9.13 7.43
C ILE A 109 14.08 9.33 6.06
N MET A 110 12.85 9.89 6.04
CA MET A 110 12.07 10.00 4.79
C MET A 110 11.40 11.33 4.70
N GLU A 111 10.86 11.71 3.53
CA GLU A 111 10.04 12.94 3.50
C GLU A 111 8.80 12.76 4.39
N TYR A 112 8.37 13.87 5.02
CA TYR A 112 7.07 13.95 5.69
C TYR A 112 5.95 14.42 4.74
N LEU A 113 4.92 13.58 4.52
CA LEU A 113 3.75 14.00 3.69
C LEU A 113 2.59 14.43 4.57
N PRO A 114 2.36 15.75 4.67
CA PRO A 114 1.50 16.36 5.72
C PRO A 114 0.01 16.06 5.62
N TYR A 115 -0.50 15.67 4.46
CA TYR A 115 -1.93 15.30 4.31
C TYR A 115 -2.26 13.87 4.75
N GLY A 116 -1.23 13.13 5.17
CA GLY A 116 -1.40 11.78 5.72
C GLY A 116 -1.78 10.75 4.65
N SER A 117 -2.45 9.69 5.09
CA SER A 117 -2.75 8.55 4.19
C SER A 117 -3.98 8.88 3.34
N LEU A 118 -4.05 8.27 2.17
CA LEU A 118 -5.18 8.51 1.26
C LEU A 118 -6.47 8.09 1.91
N ARG A 119 -6.41 7.03 2.71
CA ARG A 119 -7.58 6.56 3.40
C ARG A 119 -8.21 7.65 4.33
N ASP A 120 -7.38 8.24 5.20
CA ASP A 120 -7.84 9.30 6.09
C ASP A 120 -8.26 10.56 5.31
N TYR A 121 -7.49 10.86 4.28
CA TYR A 121 -7.74 12.05 3.51
C TYR A 121 -9.11 11.95 2.79
N LEU A 122 -9.38 10.79 2.17
CA LEU A 122 -10.64 10.57 1.49
C LEU A 122 -11.82 10.58 2.47
N GLN A 123 -11.70 9.85 3.57
CA GLN A 123 -12.65 9.96 4.68
C GLN A 123 -13.11 11.38 5.10
N LYS A 124 -12.15 12.28 5.25
CA LYS A 124 -12.43 13.63 5.73
C LYS A 124 -13.07 14.53 4.66
N HIS A 125 -12.57 14.42 3.43
CA HIS A 125 -12.97 15.27 2.31
C HIS A 125 -13.96 14.62 1.37
N LYS A 126 -14.71 13.63 1.85
CA LYS A 126 -15.54 12.70 1.06
C LYS A 126 -15.90 13.03 -0.39
N GLU A 127 -17.17 13.30 -0.68
CA GLU A 127 -17.59 13.41 -2.09
C GLU A 127 -17.35 14.80 -2.72
N ARG A 128 -16.64 15.65 -1.98
CA ARG A 128 -16.03 16.88 -2.47
C ARG A 128 -14.82 16.54 -3.35
N ILE A 129 -14.45 15.27 -3.35
CA ILE A 129 -13.47 14.69 -4.27
C ILE A 129 -14.33 13.96 -5.28
N ASP A 130 -14.30 14.43 -6.52
CA ASP A 130 -15.17 13.88 -7.53
C ASP A 130 -14.49 12.67 -8.21
N HIS A 131 -15.16 12.09 -9.20
CA HIS A 131 -14.71 10.86 -9.81
C HIS A 131 -13.49 11.09 -10.61
N ILE A 132 -13.40 12.28 -11.18
CA ILE A 132 -12.26 12.68 -11.99
C ILE A 132 -10.97 12.77 -11.13
N LYS A 133 -11.11 13.39 -9.96
CA LYS A 133 -10.01 13.41 -8.98
C LYS A 133 -9.63 11.99 -8.53
N LEU A 134 -10.62 11.12 -8.20
CA LEU A 134 -10.34 9.69 -7.87
C LEU A 134 -9.51 8.96 -8.90
N LEU A 135 -9.89 9.20 -10.17
CA LEU A 135 -9.15 8.66 -11.34
C LEU A 135 -7.71 9.23 -11.53
N GLN A 136 -7.52 10.49 -11.11
CA GLN A 136 -6.15 11.04 -11.09
C GLN A 136 -5.22 10.26 -10.12
N TYR A 137 -5.69 10.06 -8.89
CA TYR A 137 -4.98 9.26 -7.88
C TYR A 137 -4.81 7.82 -8.33
N THR A 138 -5.82 7.21 -8.98
CA THR A 138 -5.78 5.80 -9.44
C THR A 138 -4.67 5.59 -10.52
N SER A 139 -4.64 6.49 -11.50
CA SER A 139 -3.57 6.59 -12.50
C SER A 139 -2.17 6.64 -11.84
N GLN A 140 -1.97 7.60 -10.94
CA GLN A 140 -0.70 7.74 -10.19
C GLN A 140 -0.34 6.50 -9.37
N ILE A 141 -1.32 5.88 -8.69
CA ILE A 141 -1.10 4.57 -8.04
C ILE A 141 -0.58 3.49 -9.03
N CYS A 142 -1.22 3.37 -10.20
CA CYS A 142 -0.80 2.37 -11.20
C CYS A 142 0.60 2.67 -11.73
N LYS A 143 0.96 3.94 -11.85
CA LYS A 143 2.30 4.27 -12.39
C LYS A 143 3.39 3.94 -11.39
N GLY A 144 3.19 4.29 -10.13
CA GLY A 144 4.12 3.92 -9.10
C GLY A 144 4.24 2.40 -8.95
N MET A 145 3.13 1.71 -9.04
CA MET A 145 3.17 0.24 -8.99
C MET A 145 3.90 -0.35 -10.23
N GLU A 146 3.66 0.20 -11.40
CA GLU A 146 4.33 -0.33 -12.61
C GLU A 146 5.85 -0.13 -12.51
N TYR A 147 6.27 1.03 -12.00
CA TYR A 147 7.71 1.31 -11.81
C TYR A 147 8.37 0.35 -10.81
N LEU A 148 7.72 0.18 -9.66
CA LEU A 148 8.13 -0.84 -8.69
C LEU A 148 8.33 -2.28 -9.27
N GLY A 149 7.37 -2.74 -10.07
CA GLY A 149 7.48 -4.03 -10.77
C GLY A 149 8.67 -4.18 -11.71
N THR A 150 9.04 -3.11 -12.42
CA THR A 150 10.29 -3.13 -13.26
C THR A 150 11.57 -3.42 -12.43
N LYS A 151 11.57 -3.15 -11.11
CA LYS A 151 12.66 -3.60 -10.26
C LYS A 151 12.39 -4.97 -9.59
N ARG A 152 11.27 -5.65 -9.94
CA ARG A 152 11.00 -6.99 -9.40
C ARG A 152 10.76 -6.96 -7.91
N TYR A 153 10.16 -5.88 -7.43
CA TYR A 153 9.63 -5.78 -6.08
C TYR A 153 8.09 -6.06 -6.05
N ILE A 154 7.64 -6.81 -5.05
CA ILE A 154 6.19 -7.11 -4.80
C ILE A 154 5.87 -6.37 -3.49
N HIS A 155 5.03 -5.33 -3.59
CA HIS A 155 4.66 -4.52 -2.43
C HIS A 155 4.02 -5.32 -1.25
N ARG A 156 3.09 -6.21 -1.62
CA ARG A 156 2.34 -7.06 -0.71
C ARG A 156 1.30 -6.34 0.18
N ASP A 157 1.36 -5.01 0.32
CA ASP A 157 0.45 -4.37 1.31
C ASP A 157 -0.20 -3.15 0.61
N LEU A 158 -0.58 -3.31 -0.66
CA LEU A 158 -1.23 -2.21 -1.39
C LEU A 158 -2.67 -2.01 -0.88
N ALA A 159 -2.97 -0.82 -0.32
CA ALA A 159 -4.26 -0.54 0.41
C ALA A 159 -4.27 0.97 0.60
N THR A 160 -5.45 1.61 0.70
CA THR A 160 -5.45 3.08 0.82
C THR A 160 -4.75 3.61 2.08
N ARG A 161 -4.63 2.80 3.13
CA ARG A 161 -3.96 3.29 4.31
C ARG A 161 -2.44 3.35 4.09
N ASN A 162 -1.94 2.60 3.08
CA ASN A 162 -0.50 2.65 2.76
C ASN A 162 -0.18 3.48 1.52
N ILE A 163 -1.15 4.28 1.08
CA ILE A 163 -0.91 5.34 0.04
C ILE A 163 -0.90 6.73 0.74
N LEU A 164 0.03 7.61 0.39
CA LEU A 164 0.11 8.87 1.13
C LEU A 164 -0.24 10.00 0.18
N VAL A 165 -0.78 11.09 0.71
CA VAL A 165 -1.16 12.23 -0.12
C VAL A 165 -0.09 13.35 0.08
N GLU A 166 0.59 13.77 -0.98
CA GLU A 166 1.53 14.90 -0.90
C GLU A 166 0.78 16.22 -0.93
N ASN A 167 -0.15 16.34 -1.88
CA ASN A 167 -1.04 17.50 -2.01
C ASN A 167 -2.32 17.08 -2.79
N GLU A 168 -3.24 18.03 -3.01
CA GLU A 168 -4.49 17.80 -3.77
C GLU A 168 -4.30 17.00 -5.07
N ASN A 169 -3.14 17.16 -5.72
CA ASN A 169 -2.97 16.61 -7.07
C ASN A 169 -1.94 15.49 -7.14
N ARG A 170 -1.48 15.00 -5.98
CA ARG A 170 -0.47 13.94 -5.95
C ARG A 170 -0.49 12.99 -4.73
N VAL A 171 -0.56 11.70 -5.04
CA VAL A 171 -0.35 10.67 -4.02
C VAL A 171 0.89 9.83 -4.32
N LYS A 172 1.36 9.10 -3.32
CA LYS A 172 2.57 8.31 -3.46
C LYS A 172 2.35 7.03 -2.68
N ILE A 173 2.95 5.95 -3.16
N ILE A 173 2.94 5.94 -3.17
CA ILE A 173 2.95 4.67 -2.48
CA ILE A 173 2.96 4.64 -2.50
C ILE A 173 3.93 4.63 -1.29
C ILE A 173 3.92 4.63 -1.30
N GLY A 174 3.50 4.20 -0.10
CA GLY A 174 4.34 4.23 1.09
C GLY A 174 4.41 2.82 1.65
N ASP A 175 4.68 2.78 2.97
CA ASP A 175 4.97 1.65 3.77
C ASP A 175 5.40 0.40 3.01
N PHE A 176 6.72 0.31 2.76
CA PHE A 176 7.34 -0.83 2.08
C PHE A 176 7.70 -1.94 3.09
N GLY A 177 7.06 -1.89 4.27
CA GLY A 177 7.29 -2.86 5.36
C GLY A 177 7.21 -4.34 4.99
N LEU A 178 6.31 -4.69 4.06
CA LEU A 178 6.05 -6.09 3.67
C LEU A 178 6.69 -6.44 2.31
N THR A 179 7.35 -5.49 1.65
CA THR A 179 7.87 -5.66 0.29
C THR A 179 8.92 -6.75 0.18
N LYS A 180 8.76 -7.64 -0.81
CA LYS A 180 9.75 -8.70 -1.13
C LYS A 180 10.33 -8.48 -2.55
N VAL A 181 11.60 -8.90 -2.75
CA VAL A 181 12.23 -8.95 -4.08
C VAL A 181 12.04 -10.35 -4.67
N LEU A 182 11.57 -10.45 -5.91
CA LEU A 182 11.52 -11.74 -6.61
C LEU A 182 12.88 -12.42 -6.74
N PRO A 183 12.90 -13.74 -6.53
CA PRO A 183 14.08 -14.53 -6.91
C PRO A 183 14.41 -14.26 -8.37
N GLN A 184 15.68 -14.43 -8.71
CA GLN A 184 16.19 -14.29 -10.09
C GLN A 184 15.47 -15.14 -11.11
N ASP A 185 15.10 -16.35 -10.71
CA ASP A 185 14.63 -17.36 -11.67
C ASP A 185 13.13 -17.65 -11.51
N LYS A 186 12.44 -16.80 -10.77
CA LYS A 186 11.03 -17.03 -10.43
C LYS A 186 10.16 -15.76 -10.47
N GLU A 187 8.87 -15.91 -10.79
CA GLU A 187 7.93 -14.75 -10.94
C GLU A 187 6.99 -14.55 -9.72
N PTR A 188 7.23 -15.35 -8.67
CA PTR A 188 6.53 -15.18 -7.39
C PTR A 188 7.54 -15.34 -6.28
O PTR A 188 8.64 -15.86 -6.51
CB PTR A 188 5.44 -16.20 -7.14
CG PTR A 188 5.95 -17.63 -7.16
CD1 PTR A 188 6.06 -18.33 -8.37
CD2 PTR A 188 6.31 -18.26 -6.00
CE1 PTR A 188 6.52 -19.64 -8.39
CE2 PTR A 188 6.77 -19.55 -6.00
CZ PTR A 188 6.88 -20.26 -7.19
OH PTR A 188 7.32 -21.43 -7.14
P PTR A 188 6.63 -22.78 -7.78
O1P PTR A 188 6.64 -22.69 -9.28
O2P PTR A 188 7.50 -23.97 -7.31
O3P PTR A 188 5.18 -22.97 -7.25
N PTR A 189 7.15 -14.92 -5.07
CA PTR A 189 7.95 -15.08 -3.89
C PTR A 189 7.05 -15.78 -2.85
O PTR A 189 5.97 -15.27 -2.55
CB PTR A 189 8.42 -13.73 -3.31
CG PTR A 189 9.34 -13.92 -2.10
CD1 PTR A 189 10.72 -13.80 -2.23
CD2 PTR A 189 8.82 -14.21 -0.82
CE1 PTR A 189 11.58 -13.99 -1.14
CE2 PTR A 189 9.68 -14.41 0.26
CZ PTR A 189 11.05 -14.28 0.11
OH PTR A 189 11.81 -14.56 1.03
P PTR A 189 12.43 -13.68 2.20
O1P PTR A 189 13.54 -14.40 2.84
O2P PTR A 189 11.34 -13.49 3.27
O3P PTR A 189 12.93 -12.40 1.54
N LYS A 190 7.54 -16.88 -2.25
CA LYS A 190 6.68 -17.70 -1.36
C LYS A 190 7.05 -17.47 0.09
N VAL A 191 6.12 -16.90 0.86
CA VAL A 191 6.41 -16.53 2.24
C VAL A 191 6.21 -17.79 3.14
N LYS A 192 7.31 -18.40 3.63
CA LYS A 192 7.26 -19.66 4.42
C LYS A 192 6.56 -19.56 5.78
N GLU A 193 6.81 -18.49 6.53
CA GLU A 193 6.13 -18.35 7.83
C GLU A 193 5.47 -16.97 7.97
N PRO A 194 4.24 -16.82 7.47
CA PRO A 194 3.63 -15.51 7.37
C PRO A 194 3.46 -14.91 8.79
N GLY A 195 3.59 -13.58 8.88
CA GLY A 195 3.31 -12.80 10.09
C GLY A 195 1.89 -12.26 9.94
N GLU A 196 1.68 -11.00 10.32
CA GLU A 196 0.33 -10.43 10.25
C GLU A 196 0.01 -10.09 8.78
N SER A 197 -1.14 -10.53 8.29
CA SER A 197 -1.41 -10.40 6.83
C SER A 197 -2.76 -9.76 6.50
N PRO A 198 -2.80 -8.83 5.54
CA PRO A 198 -4.05 -8.13 5.26
C PRO A 198 -4.94 -9.02 4.29
N ILE A 199 -5.45 -10.13 4.85
CA ILE A 199 -6.20 -11.14 4.12
C ILE A 199 -7.32 -10.63 3.27
N PHE A 200 -8.03 -9.58 3.72
CA PHE A 200 -9.15 -9.05 2.92
C PHE A 200 -8.72 -8.34 1.62
N TRP A 201 -7.40 -8.13 1.43
CA TRP A 201 -6.82 -7.55 0.16
C TRP A 201 -6.03 -8.65 -0.63
N TYR A 202 -5.99 -9.89 -0.12
CA TYR A 202 -5.14 -10.94 -0.68
C TYR A 202 -5.75 -11.76 -1.81
N ALA A 203 -4.94 -12.04 -2.86
CA ALA A 203 -5.32 -12.89 -3.96
C ALA A 203 -5.52 -14.34 -3.45
N PRO A 204 -6.38 -15.17 -4.12
CA PRO A 204 -6.57 -16.54 -3.62
C PRO A 204 -5.31 -17.35 -3.47
N GLU A 205 -4.31 -17.19 -4.40
CA GLU A 205 -3.11 -18.00 -4.36
C GLU A 205 -2.24 -17.58 -3.17
N SER A 206 -2.42 -16.32 -2.74
CA SER A 206 -1.67 -15.84 -1.56
C SER A 206 -2.28 -16.47 -0.32
N LEU A 207 -3.61 -16.57 -0.30
CA LEU A 207 -4.27 -17.24 0.82
C LEU A 207 -3.94 -18.72 0.89
N THR A 208 -3.99 -19.42 -0.25
CA THR A 208 -3.78 -20.87 -0.25
C THR A 208 -2.32 -21.31 -0.12
N GLU A 209 -1.42 -20.64 -0.86
CA GLU A 209 -0.04 -21.11 -1.00
C GLU A 209 0.97 -20.05 -0.57
N SER A 210 0.47 -18.89 -0.17
CA SER A 210 1.35 -17.84 0.37
C SER A 210 2.35 -17.35 -0.71
N LYS A 211 1.86 -17.36 -1.96
CA LYS A 211 2.59 -16.93 -3.13
C LYS A 211 2.23 -15.49 -3.50
N PHE A 212 3.26 -14.66 -3.68
CA PHE A 212 3.07 -13.23 -3.98
C PHE A 212 3.78 -12.84 -5.28
N SER A 213 3.12 -12.03 -6.09
CA SER A 213 3.65 -11.76 -7.44
C SER A 213 3.17 -10.41 -7.88
N VAL A 214 3.68 -9.92 -9.01
CA VAL A 214 3.09 -8.72 -9.61
C VAL A 214 1.53 -8.93 -9.74
N ALA A 215 1.12 -10.14 -10.09
CA ALA A 215 -0.31 -10.38 -10.30
C ALA A 215 -1.06 -10.31 -8.99
N SER A 216 -0.47 -10.71 -7.88
CA SER A 216 -1.21 -10.53 -6.58
C SER A 216 -1.29 -9.04 -6.14
N ASP A 217 -0.23 -8.25 -6.41
CA ASP A 217 -0.35 -6.81 -6.29
C ASP A 217 -1.50 -6.24 -7.11
N VAL A 218 -1.69 -6.77 -8.33
CA VAL A 218 -2.77 -6.25 -9.18
C VAL A 218 -4.14 -6.60 -8.52
N TRP A 219 -4.25 -7.82 -7.98
CA TRP A 219 -5.48 -8.14 -7.24
C TRP A 219 -5.73 -7.13 -6.11
N SER A 220 -4.73 -6.89 -5.23
CA SER A 220 -4.87 -5.85 -4.18
C SER A 220 -5.21 -4.48 -4.74
N PHE A 221 -4.67 -4.11 -5.92
CA PHE A 221 -5.04 -2.85 -6.53
C PHE A 221 -6.57 -2.76 -6.80
N GLY A 222 -7.15 -3.90 -7.22
CA GLY A 222 -8.59 -3.96 -7.45
C GLY A 222 -9.33 -3.60 -6.17
N VAL A 223 -8.86 -4.11 -5.06
CA VAL A 223 -9.46 -3.74 -3.79
C VAL A 223 -9.23 -2.26 -3.41
N VAL A 224 -8.02 -1.72 -3.65
CA VAL A 224 -7.80 -0.25 -3.56
C VAL A 224 -8.85 0.57 -4.34
N LEU A 225 -9.08 0.19 -5.60
CA LEU A 225 -10.04 0.92 -6.46
C LEU A 225 -11.48 0.80 -5.89
N TYR A 226 -11.82 -0.36 -5.34
CA TYR A 226 -13.05 -0.51 -4.53
C TYR A 226 -13.08 0.45 -3.36
N GLU A 227 -12.02 0.47 -2.54
CA GLU A 227 -11.93 1.43 -1.44
C GLU A 227 -12.23 2.86 -1.88
N LEU A 228 -11.59 3.28 -2.96
CA LEU A 228 -11.70 4.65 -3.42
C LEU A 228 -13.19 4.90 -3.74
N PHE A 229 -13.78 4.06 -4.57
CA PHE A 229 -15.20 4.33 -4.94
C PHE A 229 -16.30 4.12 -3.86
N THR A 230 -15.92 3.67 -2.67
CA THR A 230 -16.89 3.60 -1.58
C THR A 230 -16.71 4.81 -0.70
N TYR A 231 -15.70 5.62 -1.03
CA TYR A 231 -15.36 6.79 -0.22
C TYR A 231 -15.06 6.42 1.23
N ILE A 232 -14.55 5.20 1.46
CA ILE A 232 -14.17 4.69 2.80
C ILE A 232 -15.35 4.64 3.78
N GLU A 233 -16.57 4.41 3.26
CA GLU A 233 -17.73 4.21 4.14
C GLU A 233 -17.50 2.95 4.97
N LYS A 234 -17.51 3.08 6.30
CA LYS A 234 -17.13 1.97 7.20
C LYS A 234 -17.92 0.64 7.01
N SER A 235 -19.24 0.75 6.88
CA SER A 235 -20.08 -0.46 6.69
C SER A 235 -19.83 -1.15 5.34
N LYS A 236 -18.99 -0.55 4.49
CA LYS A 236 -18.73 -1.16 3.17
C LYS A 236 -17.28 -1.55 2.95
N SER A 237 -16.44 -1.35 3.97
CA SER A 237 -15.03 -1.73 3.90
C SER A 237 -14.91 -3.20 3.45
N PRO A 238 -13.78 -3.58 2.85
CA PRO A 238 -13.59 -4.99 2.47
C PRO A 238 -13.75 -6.01 3.64
N PRO A 239 -13.13 -5.80 4.80
CA PRO A 239 -13.43 -6.74 5.93
C PRO A 239 -14.92 -6.84 6.29
N ALA A 240 -15.65 -5.74 6.34
CA ALA A 240 -17.07 -5.78 6.73
C ALA A 240 -17.89 -6.60 5.70
N GLU A 241 -17.67 -6.35 4.43
CA GLU A 241 -18.39 -7.03 3.34
C GLU A 241 -18.09 -8.53 3.24
N PHE A 242 -16.79 -8.87 3.26
CA PHE A 242 -16.39 -10.26 3.23
C PHE A 242 -16.91 -11.01 4.51
N MET A 243 -16.83 -10.37 5.67
CA MET A 243 -17.35 -11.00 6.89
C MET A 243 -18.86 -11.31 6.75
N ARG A 244 -19.62 -10.41 6.16
CA ARG A 244 -21.05 -10.61 5.98
C ARG A 244 -21.32 -11.76 4.97
N MET A 245 -20.48 -11.85 3.92
CA MET A 245 -20.58 -12.92 2.97
C MET A 245 -20.23 -14.29 3.54
N ILE A 246 -19.22 -14.37 4.43
CA ILE A 246 -18.98 -15.68 5.00
C ILE A 246 -19.77 -15.96 6.28
N GLY A 247 -20.31 -14.91 6.90
CA GLY A 247 -21.08 -14.96 8.12
C GLY A 247 -20.19 -14.49 9.29
N ASN A 248 -20.75 -13.66 10.16
CA ASN A 248 -19.97 -12.93 11.19
C ASN A 248 -19.61 -13.86 12.36
N ASP A 249 -20.12 -15.08 12.34
CA ASP A 249 -19.83 -16.11 13.32
C ASP A 249 -18.51 -16.85 13.01
N LYS A 250 -17.88 -16.57 11.87
CA LYS A 250 -16.66 -17.26 11.54
C LYS A 250 -15.50 -16.61 12.36
N GLN A 251 -14.58 -17.40 12.94
CA GLN A 251 -13.52 -16.85 13.79
C GLN A 251 -12.18 -17.49 13.48
N GLY A 252 -11.13 -16.70 13.66
CA GLY A 252 -9.76 -17.22 13.59
C GLY A 252 -9.47 -17.75 12.19
N GLN A 253 -8.73 -18.86 12.15
CA GLN A 253 -8.37 -19.43 10.90
C GLN A 253 -9.57 -19.96 10.07
N MET A 254 -10.75 -20.16 10.69
CA MET A 254 -11.97 -20.49 9.92
C MET A 254 -12.40 -19.38 8.91
N ILE A 255 -12.19 -18.12 9.29
CA ILE A 255 -12.28 -17.01 8.35
C ILE A 255 -11.49 -17.21 7.03
N VAL A 256 -10.20 -17.51 7.15
CA VAL A 256 -9.32 -17.72 5.98
C VAL A 256 -9.86 -18.93 5.14
N PHE A 257 -10.10 -20.08 5.78
CA PHE A 257 -10.79 -21.24 5.15
C PHE A 257 -12.07 -20.84 4.37
N HIS A 258 -13.02 -20.15 4.99
CA HIS A 258 -14.26 -19.72 4.26
C HIS A 258 -14.05 -18.66 3.20
N LEU A 259 -13.11 -17.77 3.47
CA LEU A 259 -12.79 -16.76 2.47
C LEU A 259 -12.21 -17.42 1.22
N ILE A 260 -11.38 -18.47 1.39
CA ILE A 260 -10.78 -19.23 0.24
C ILE A 260 -11.89 -19.88 -0.61
N GLU A 261 -12.82 -20.60 0.07
CA GLU A 261 -13.95 -21.24 -0.64
C GLU A 261 -14.80 -20.19 -1.34
N LEU A 262 -15.03 -19.04 -0.69
CA LEU A 262 -15.92 -18.05 -1.27
C LEU A 262 -15.37 -17.50 -2.60
N LEU A 263 -14.09 -17.12 -2.56
CA LEU A 263 -13.36 -16.61 -3.75
C LEU A 263 -13.26 -17.66 -4.89
N LYS A 264 -13.03 -18.92 -4.55
CA LYS A 264 -13.04 -20.00 -5.56
C LYS A 264 -14.41 -20.10 -6.24
N ASN A 265 -15.48 -19.76 -5.53
CA ASN A 265 -16.87 -19.78 -6.11
C ASN A 265 -17.41 -18.43 -6.51
N ASN A 266 -16.50 -17.52 -6.89
CA ASN A 266 -16.89 -16.23 -7.48
C ASN A 266 -17.58 -15.25 -6.54
N GLY A 267 -17.53 -15.50 -5.23
CA GLY A 267 -17.91 -14.39 -4.33
C GLY A 267 -16.90 -13.24 -4.52
N ARG A 268 -17.42 -12.02 -4.75
CA ARG A 268 -16.63 -10.81 -4.96
C ARG A 268 -17.31 -9.71 -4.17
N LEU A 269 -16.57 -8.64 -3.89
CA LEU A 269 -17.12 -7.39 -3.39
C LEU A 269 -18.11 -6.76 -4.37
N PRO A 270 -19.12 -6.06 -3.87
CA PRO A 270 -20.09 -5.53 -4.84
C PRO A 270 -19.65 -4.24 -5.53
N ARG A 271 -20.43 -3.81 -6.51
CA ARG A 271 -20.15 -2.52 -7.15
C ARG A 271 -20.52 -1.42 -6.17
N PRO A 272 -19.61 -0.46 -5.92
CA PRO A 272 -19.98 0.61 -4.96
C PRO A 272 -21.07 1.53 -5.51
N ASP A 273 -21.93 2.00 -4.61
CA ASP A 273 -22.96 2.97 -4.93
C ASP A 273 -22.40 4.08 -5.81
N GLY A 274 -22.92 4.21 -7.02
CA GLY A 274 -22.61 5.36 -7.89
C GLY A 274 -21.35 5.16 -8.73
N CYS A 275 -20.73 3.99 -8.58
CA CYS A 275 -19.51 3.69 -9.34
C CYS A 275 -19.79 3.52 -10.85
N PRO A 276 -19.08 4.26 -11.72
CA PRO A 276 -19.31 4.04 -13.16
C PRO A 276 -18.99 2.61 -13.57
N ASP A 277 -19.68 2.14 -14.60
CA ASP A 277 -19.78 0.71 -14.88
C ASP A 277 -18.40 0.21 -15.32
N GLU A 278 -17.72 1.05 -16.10
CA GLU A 278 -16.42 0.74 -16.61
C GLU A 278 -15.27 0.68 -15.55
N ILE A 279 -15.42 1.41 -14.46
CA ILE A 279 -14.38 1.35 -13.45
C ILE A 279 -14.60 0.08 -12.68
N TYR A 280 -15.87 -0.23 -12.48
CA TYR A 280 -16.19 -1.47 -11.80
C TYR A 280 -15.75 -2.73 -12.61
N MET A 281 -15.80 -2.67 -13.95
CA MET A 281 -15.27 -3.76 -14.81
C MET A 281 -13.78 -4.02 -14.57
N ILE A 282 -13.03 -2.96 -14.31
CA ILE A 282 -11.60 -3.02 -14.10
C ILE A 282 -11.32 -3.76 -12.77
N MET A 283 -12.07 -3.40 -11.73
CA MET A 283 -11.97 -4.08 -10.45
C MET A 283 -12.17 -5.57 -10.68
N THR A 284 -13.22 -5.95 -11.42
CA THR A 284 -13.59 -7.39 -11.53
C THR A 284 -12.51 -8.11 -12.30
N GLU A 285 -11.93 -7.41 -13.27
CA GLU A 285 -10.82 -7.94 -14.06
C GLU A 285 -9.57 -8.23 -13.24
N CYS A 286 -9.27 -7.35 -12.27
CA CYS A 286 -8.10 -7.54 -11.40
C CYS A 286 -8.42 -8.70 -10.45
N TRP A 287 -9.68 -8.91 -10.11
CA TRP A 287 -10.02 -10.01 -9.22
C TRP A 287 -10.27 -11.34 -9.97
N ASN A 288 -9.49 -11.68 -10.97
CA ASN A 288 -9.63 -12.96 -11.67
C ASN A 288 -8.88 -14.06 -10.93
N ASN A 289 -9.54 -15.19 -10.65
CA ASN A 289 -8.85 -16.39 -10.10
C ASN A 289 -7.62 -16.83 -10.93
N ASN A 290 -7.64 -16.59 -12.23
CA ASN A 290 -6.55 -17.08 -13.10
C ASN A 290 -5.46 -16.01 -13.13
N VAL A 291 -4.37 -16.23 -12.41
CA VAL A 291 -3.28 -15.25 -12.32
C VAL A 291 -2.87 -14.59 -13.67
N ASN A 292 -2.74 -15.39 -14.72
CA ASN A 292 -2.35 -14.90 -16.05
C ASN A 292 -3.36 -14.02 -16.73
N GLN A 293 -4.64 -14.15 -16.39
CA GLN A 293 -5.62 -13.25 -16.97
C GLN A 293 -5.79 -11.89 -16.31
N ARG A 294 -5.18 -11.63 -15.15
CA ARG A 294 -5.26 -10.27 -14.52
C ARG A 294 -4.53 -9.27 -15.43
N PRO A 295 -5.01 -8.05 -15.57
CA PRO A 295 -4.25 -7.06 -16.41
C PRO A 295 -2.89 -6.59 -15.84
N SER A 296 -2.06 -5.93 -16.67
CA SER A 296 -0.76 -5.50 -16.20
C SER A 296 -0.92 -4.07 -15.68
N PHE A 297 0.02 -3.61 -14.84
CA PHE A 297 -0.10 -2.19 -14.44
C PHE A 297 0.11 -1.23 -15.57
N ARG A 298 0.94 -1.60 -16.56
CA ARG A 298 1.06 -0.74 -17.74
C ARG A 298 -0.29 -0.53 -18.46
N ASP A 299 -1.09 -1.58 -18.59
CA ASP A 299 -2.36 -1.41 -19.30
C ASP A 299 -3.43 -0.74 -18.42
N LEU A 300 -3.37 -0.98 -17.10
CA LEU A 300 -4.26 -0.24 -16.13
C LEU A 300 -4.07 1.28 -16.24
N ALA A 301 -2.82 1.75 -16.17
CA ALA A 301 -2.55 3.20 -16.29
C ALA A 301 -3.06 3.74 -17.67
N LEU A 302 -2.78 3.01 -18.75
CA LEU A 302 -3.34 3.41 -20.06
C LEU A 302 -4.88 3.46 -20.03
N ARG A 303 -5.53 2.46 -19.46
CA ARG A 303 -6.98 2.50 -19.52
C ARG A 303 -7.62 3.58 -18.69
N VAL A 304 -7.07 3.79 -17.48
CA VAL A 304 -7.61 4.78 -16.56
C VAL A 304 -7.32 6.14 -17.15
N ASP A 305 -6.18 6.36 -17.81
CA ASP A 305 -5.97 7.70 -18.44
C ASP A 305 -7.02 7.95 -19.56
N GLN A 306 -7.39 6.88 -20.25
CA GLN A 306 -8.41 6.98 -21.27
C GLN A 306 -9.77 7.33 -20.66
N ILE A 307 -10.20 6.63 -19.59
CA ILE A 307 -11.44 7.03 -18.90
C ILE A 307 -11.41 8.51 -18.51
N ARG A 308 -10.29 8.96 -17.93
CA ARG A 308 -10.15 10.34 -17.46
C ARG A 308 -10.40 11.37 -18.58
N ASP A 309 -9.72 11.16 -19.69
CA ASP A 309 -9.82 12.02 -20.88
C ASP A 309 -11.28 12.07 -21.39
N ASN A 310 -11.90 10.90 -21.56
CA ASN A 310 -13.34 10.78 -21.86
C ASN A 310 -14.24 11.65 -20.96
N MET A 311 -14.00 11.65 -19.64
CA MET A 311 -14.81 12.41 -18.66
C MET A 311 -14.49 13.91 -18.72
O1 JZH B . 9.13 2.08 4.03
C2 JZH B . 8.31 3.08 4.56
C3 JZH B . 7.94 3.03 5.90
C4 JZH B . 7.09 3.96 6.40
C5 JZH B . 6.60 5.01 5.58
C6 JZH B . 6.95 5.06 4.23
C7 JZH B . 7.82 4.10 3.72
C8 JZH B . 5.60 6.08 5.93
C9 JZH B . 4.17 5.59 5.62
O10 JZH B . 3.95 5.26 4.46
N11 JZH B . 3.04 5.58 6.35
C12 JZH B . 2.91 5.95 7.69
C13 JZH B . 2.48 4.95 8.57
C14 JZH B . 2.27 5.22 9.93
C15 JZH B . 2.48 6.52 10.42
C16 JZH B . 2.91 7.50 9.51
C17 JZH B . 3.12 7.27 8.12
C18 JZH B . 3.64 8.45 7.33
C19 JZH B . 3.05 9.73 7.58
C20 JZH B . 3.54 10.87 7.01
N21 JZH B . 4.61 10.90 6.21
C22 JZH B . 5.23 9.77 5.91
N23 JZH B . 6.33 9.56 5.08
C25 JZH B . 6.57 8.21 5.07
C26 JZH B . 5.70 7.56 5.92
C27 JZH B . 4.75 8.53 6.47
NA NA C . 14.49 10.33 17.77
#